data_3E61
#
_entry.id   3E61
#
_cell.length_a   81.146
_cell.length_b   106.634
_cell.length_c   68.183
_cell.angle_alpha   90.000
_cell.angle_beta   112.170
_cell.angle_gamma   90.000
#
_symmetry.space_group_name_H-M   'C 1 2 1'
#
loop_
_entity.id
_entity.type
_entity.pdbx_description
1 polymer 'Putative transcriptional repressor of ribose operon'
2 non-polymer GLYCEROL
3 water water
#
_entity_poly.entity_id   1
_entity_poly.type   'polypeptide(L)'
_entity_poly.pdbx_seq_one_letter_code
;MSLYKRKSKLIGLLLPDMSNPFFTLIARGVEDVALAHGYQVLIGNSDNDIKKAQGYLATFVSHNCTGMISTAFNENIIEN
TLTDHHIPFVFIDRINNEHNGISTNHFKGGQLQAEVVRKGKGKNVLIVHENLLIDAFHQRVQGIKYILDQQRIDYKMLEA
TLLDNDKKFIDLIKELSIDSIICSNDLLAINVLGIVQRYHFKVPAEIQIIGYDNIPFSEMTYPQITTIDQSAYHLGEIAV
SQLLGLNTDNLTNNHKQLALTVKHRGSTREGHHHHHH
;
_entity_poly.pdbx_strand_id   A,B
#
loop_
_chem_comp.id
_chem_comp.type
_chem_comp.name
_chem_comp.formula
GOL non-polymer GLYCEROL 'C3 H8 O3'
#
# COMPACT_ATOMS: atom_id res chain seq x y z
N LEU A 10 -8.38 -8.84 -24.55
CA LEU A 10 -7.59 -7.85 -23.73
C LEU A 10 -8.44 -6.89 -22.94
N ILE A 11 -8.14 -6.81 -21.65
CA ILE A 11 -8.94 -6.07 -20.71
C ILE A 11 -8.25 -4.72 -20.37
N GLY A 12 -9.04 -3.66 -20.28
CA GLY A 12 -8.58 -2.39 -19.71
C GLY A 12 -9.14 -2.23 -18.29
N LEU A 13 -8.26 -1.98 -17.32
CA LEU A 13 -8.66 -1.83 -15.93
C LEU A 13 -8.22 -0.46 -15.51
N LEU A 14 -9.21 0.40 -15.26
CA LEU A 14 -8.93 1.77 -14.91
C LEU A 14 -9.15 1.88 -13.42
N LEU A 15 -8.06 2.03 -12.68
CA LEU A 15 -8.12 2.07 -11.22
C LEU A 15 -8.23 3.50 -10.77
N PRO A 16 -9.10 3.78 -9.79
CA PRO A 16 -9.26 5.16 -9.30
C PRO A 16 -8.06 5.68 -8.49
N ASP A 17 -7.33 4.79 -7.83
CA ASP A 17 -6.23 5.18 -6.93
C ASP A 17 -5.30 4.00 -6.76
N MET A 18 -4.28 3.93 -7.60
CA MET A 18 -3.35 2.78 -7.54
C MET A 18 -2.52 2.72 -6.25
N SER A 19 -2.51 3.80 -5.48
CA SER A 19 -1.80 3.80 -4.18
C SER A 19 -2.67 3.33 -3.00
N ASN A 20 -3.92 2.94 -3.30
CA ASN A 20 -4.82 2.33 -2.34
C ASN A 20 -4.79 0.81 -2.48
N PRO A 21 -4.23 0.11 -1.47
CA PRO A 21 -4.15 -1.37 -1.50
C PRO A 21 -5.50 -2.09 -1.79
N PHE A 22 -6.62 -1.47 -1.44
CA PHE A 22 -7.92 -2.03 -1.80
C PHE A 22 -8.02 -2.24 -3.34
N PHE A 23 -7.73 -1.20 -4.11
CA PHE A 23 -7.76 -1.29 -5.56
C PHE A 23 -6.64 -2.17 -6.17
N THR A 24 -5.44 -2.16 -5.60
CA THR A 24 -4.38 -3.05 -6.09
C THR A 24 -4.72 -4.52 -5.88
N LEU A 25 -5.45 -4.81 -4.82
CA LEU A 25 -5.96 -6.16 -4.59
C LEU A 25 -7.10 -6.58 -5.56
N ILE A 26 -8.08 -5.69 -5.79
CA ILE A 26 -9.03 -5.91 -6.89
C ILE A 26 -8.27 -6.27 -8.16
N ALA A 27 -7.21 -5.51 -8.45
CA ALA A 27 -6.44 -5.62 -9.69
C ALA A 27 -5.78 -6.97 -9.84
N ARG A 28 -5.38 -7.54 -8.72
CA ARG A 28 -4.72 -8.85 -8.70
C ARG A 28 -5.73 -9.95 -8.95
N GLY A 29 -6.91 -9.84 -8.35
CA GLY A 29 -8.04 -10.70 -8.68
C GLY A 29 -8.36 -10.68 -10.18
N VAL A 30 -8.37 -9.49 -10.78
CA VAL A 30 -8.58 -9.34 -12.23
C VAL A 30 -7.44 -9.98 -13.06
N GLU A 31 -6.18 -9.65 -12.71
CA GLU A 31 -5.00 -10.09 -13.44
C GLU A 31 -4.83 -11.59 -13.42
N ASP A 32 -5.19 -12.19 -12.27
CA ASP A 32 -5.09 -13.63 -12.04
C ASP A 32 -6.04 -14.45 -12.87
N VAL A 33 -7.33 -14.21 -12.72
CA VAL A 33 -8.34 -14.77 -13.60
C VAL A 33 -8.05 -14.51 -15.11
N ALA A 34 -7.80 -13.25 -15.49
CA ALA A 34 -7.44 -12.93 -16.88
C ALA A 34 -6.27 -13.76 -17.42
N LEU A 35 -5.19 -13.86 -16.65
CA LEU A 35 -3.98 -14.47 -17.17
C LEU A 35 -4.17 -15.98 -17.27
N ALA A 36 -5.00 -16.53 -16.36
CA ALA A 36 -5.40 -17.93 -16.44
C ALA A 36 -6.05 -18.25 -17.80
N HIS A 37 -6.91 -17.35 -18.30
CA HIS A 37 -7.65 -17.55 -19.57
C HIS A 37 -6.98 -16.93 -20.81
N GLY A 38 -5.68 -16.74 -20.72
CA GLY A 38 -4.89 -16.14 -21.80
C GLY A 38 -5.21 -14.70 -22.18
N TYR A 39 -5.79 -13.94 -21.25
CA TYR A 39 -6.11 -12.53 -21.45
C TYR A 39 -5.04 -11.61 -20.91
N GLN A 40 -4.72 -10.55 -21.66
CA GLN A 40 -3.87 -9.47 -21.14
C GLN A 40 -4.72 -8.34 -20.53
N VAL A 41 -4.13 -7.60 -19.60
CA VAL A 41 -4.79 -6.46 -18.96
C VAL A 41 -3.94 -5.19 -19.20
N LEU A 42 -4.57 -4.14 -19.73
CA LEU A 42 -3.96 -2.80 -19.69
C LEU A 42 -4.48 -2.14 -18.41
N ILE A 43 -3.55 -1.76 -17.55
CA ILE A 43 -3.87 -1.11 -16.29
C ILE A 43 -3.49 0.39 -16.28
N GLY A 44 -4.44 1.21 -15.86
CA GLY A 44 -4.27 2.68 -15.85
C GLY A 44 -4.75 3.29 -14.54
N ASN A 45 -4.17 4.42 -14.15
CA ASN A 45 -4.53 5.09 -12.90
C ASN A 45 -5.16 6.44 -13.22
N SER A 46 -6.40 6.62 -12.85
CA SER A 46 -7.05 7.85 -13.22
C SER A 46 -6.88 8.89 -12.12
N ASP A 47 -6.55 8.46 -10.90
CA ASP A 47 -6.46 9.36 -9.74
C ASP A 47 -7.72 10.21 -9.53
N ASN A 48 -8.86 9.63 -9.96
CA ASN A 48 -10.14 10.34 -10.09
C ASN A 48 -9.98 11.73 -10.69
N ASP A 49 -9.13 11.82 -11.70
CA ASP A 49 -8.92 13.03 -12.46
C ASP A 49 -9.63 12.80 -13.80
N ILE A 50 -10.59 13.67 -14.17
CA ILE A 50 -11.34 13.47 -15.42
C ILE A 50 -10.45 13.50 -16.67
N LYS A 51 -9.38 14.29 -16.64
CA LYS A 51 -8.47 14.30 -17.79
C LYS A 51 -7.70 12.97 -17.91
N LYS A 52 -7.25 12.43 -16.78
CA LYS A 52 -6.56 11.13 -16.77
C LYS A 52 -7.44 9.96 -17.16
N ALA A 53 -8.66 9.93 -16.61
CA ALA A 53 -9.63 8.93 -16.93
C ALA A 53 -9.84 8.93 -18.45
N GLN A 54 -10.16 10.11 -19.01
CA GLN A 54 -10.42 10.24 -20.43
C GLN A 54 -9.23 9.77 -21.24
N GLY A 55 -8.03 10.18 -20.84
CA GLY A 55 -6.78 9.74 -21.49
C GLY A 55 -6.64 8.23 -21.59
N TYR A 56 -6.63 7.55 -20.45
CA TYR A 56 -6.55 6.10 -20.43
C TYR A 56 -7.63 5.36 -21.19
N LEU A 57 -8.86 5.81 -21.05
CA LEU A 57 -9.98 5.14 -21.67
C LEU A 57 -9.91 5.25 -23.19
N ALA A 58 -9.49 6.43 -23.68
CA ALA A 58 -9.24 6.68 -25.09
C ALA A 58 -8.21 5.72 -25.65
N THR A 59 -7.11 5.59 -24.94
CA THR A 59 -6.03 4.70 -25.28
C THR A 59 -6.44 3.22 -25.30
N PHE A 60 -7.13 2.77 -24.26
CA PHE A 60 -7.67 1.43 -24.19
C PHE A 60 -8.58 1.15 -25.40
N VAL A 61 -9.21 2.19 -25.91
CA VAL A 61 -10.02 2.06 -27.13
C VAL A 61 -9.11 1.94 -28.35
N SER A 62 -8.10 2.81 -28.42
CA SER A 62 -7.08 2.79 -29.46
C SER A 62 -6.53 1.41 -29.70
N HIS A 63 -6.42 0.67 -28.59
CA HIS A 63 -5.64 -0.55 -28.53
C HIS A 63 -6.54 -1.76 -28.53
N ASN A 64 -7.79 -1.56 -28.95
CA ASN A 64 -8.80 -2.62 -29.12
C ASN A 64 -9.09 -3.53 -27.93
N CYS A 65 -9.23 -2.94 -26.73
CA CYS A 65 -9.66 -3.71 -25.57
C CYS A 65 -11.03 -4.34 -25.83
N THR A 66 -11.21 -5.57 -25.33
CA THR A 66 -12.44 -6.35 -25.51
C THR A 66 -13.46 -6.01 -24.45
N GLY A 67 -12.98 -5.40 -23.37
CA GLY A 67 -13.86 -5.18 -22.22
C GLY A 67 -13.10 -4.34 -21.23
N MET A 68 -13.84 -3.56 -20.45
CA MET A 68 -13.21 -2.63 -19.54
C MET A 68 -13.78 -2.79 -18.17
N ILE A 69 -12.94 -2.52 -17.19
CA ILE A 69 -13.35 -2.55 -15.80
C ILE A 69 -12.99 -1.22 -15.20
N SER A 70 -13.94 -0.58 -14.54
CA SER A 70 -13.66 0.69 -13.91
C SER A 70 -14.69 0.97 -12.83
N THR A 71 -14.63 2.17 -12.26
CA THR A 71 -15.63 2.64 -11.30
C THR A 71 -16.55 3.64 -11.99
N ALA A 72 -17.69 3.88 -11.36
CA ALA A 72 -18.74 4.70 -11.97
C ALA A 72 -18.40 6.20 -12.03
N PHE A 73 -17.26 6.64 -11.48
CA PHE A 73 -16.77 8.01 -11.73
C PHE A 73 -16.71 8.22 -13.23
N ASN A 74 -16.54 7.11 -13.95
CA ASN A 74 -16.23 7.14 -15.37
C ASN A 74 -17.38 6.80 -16.32
N GLU A 75 -18.59 6.58 -15.79
CA GLU A 75 -19.73 6.06 -16.59
C GLU A 75 -20.00 6.76 -17.93
N ASN A 76 -20.03 8.10 -17.92
CA ASN A 76 -20.30 8.86 -19.18
C ASN A 76 -19.37 8.43 -20.31
N ILE A 77 -18.06 8.35 -20.03
CA ILE A 77 -17.10 7.98 -21.08
C ILE A 77 -17.19 6.52 -21.46
N ILE A 78 -17.26 5.65 -20.45
CA ILE A 78 -17.41 4.21 -20.68
C ILE A 78 -18.63 3.93 -21.58
N GLU A 79 -19.77 4.55 -21.26
CA GLU A 79 -21.01 4.40 -22.03
C GLU A 79 -20.88 4.84 -23.48
N ASN A 80 -20.35 6.03 -23.68
CA ASN A 80 -20.11 6.55 -24.99
C ASN A 80 -19.20 5.64 -25.83
N THR A 81 -18.16 5.10 -25.19
CA THR A 81 -17.22 4.15 -25.80
C THR A 81 -17.83 2.76 -26.10
N LEU A 82 -18.90 2.41 -25.38
CA LEU A 82 -19.67 1.21 -25.69
C LEU A 82 -20.44 1.44 -27.01
N THR A 83 -21.20 2.52 -27.09
CA THR A 83 -22.01 2.82 -28.28
C THR A 83 -21.14 3.05 -29.53
N ASP A 84 -20.09 3.84 -29.37
CA ASP A 84 -19.21 4.23 -30.47
C ASP A 84 -18.34 3.06 -30.93
N HIS A 85 -18.05 2.13 -30.00
CA HIS A 85 -17.20 0.97 -30.26
C HIS A 85 -17.83 -0.30 -29.65
N ILE A 87 -17.52 -2.24 -26.96
CA ILE A 87 -16.65 -2.64 -25.84
C ILE A 87 -17.47 -2.73 -24.55
N PRO A 88 -17.77 -3.95 -24.09
CA PRO A 88 -18.51 -4.14 -22.83
C PRO A 88 -17.66 -3.69 -21.63
N PHE A 89 -18.33 -3.38 -20.52
CA PHE A 89 -17.66 -2.91 -19.32
C PHE A 89 -18.31 -3.50 -18.10
N VAL A 90 -17.61 -3.41 -16.97
CA VAL A 90 -18.13 -3.71 -15.63
C VAL A 90 -17.66 -2.59 -14.71
N PHE A 91 -18.55 -2.09 -13.86
CA PHE A 91 -18.21 -1.14 -12.79
C PHE A 91 -17.92 -1.81 -11.44
N ILE A 92 -16.66 -1.80 -11.01
CA ILE A 92 -16.32 -2.53 -9.77
C ILE A 92 -17.11 -2.10 -8.53
N ASP A 93 -17.42 -0.81 -8.45
CA ASP A 93 -18.20 -0.29 -7.36
C ASP A 93 -19.69 -0.67 -7.40
N ARG A 94 -20.13 -1.41 -8.41
CA ARG A 94 -21.55 -1.76 -8.53
C ARG A 94 -21.90 -3.28 -8.58
N ILE A 95 -20.89 -4.12 -8.41
CA ILE A 95 -21.11 -5.57 -8.39
C ILE A 95 -21.87 -5.98 -7.13
N ASN A 105 -22.97 -3.33 -1.12
CA ASN A 105 -23.66 -2.03 -1.11
C ASN A 105 -23.07 -1.13 -0.03
N HIS A 106 -22.78 0.10 -0.42
CA HIS A 106 -21.93 0.99 0.33
C HIS A 106 -22.75 1.65 1.41
N PHE A 107 -24.04 1.91 1.13
CA PHE A 107 -24.97 2.48 2.12
C PHE A 107 -25.11 1.53 3.34
N LYS A 108 -25.28 0.24 3.08
CA LYS A 108 -25.32 -0.80 4.10
C LYS A 108 -24.01 -0.90 4.87
N GLY A 109 -22.89 -0.69 4.17
CA GLY A 109 -21.58 -0.69 4.80
C GLY A 109 -21.51 0.40 5.82
N GLY A 110 -21.95 1.60 5.45
CA GLY A 110 -21.99 2.75 6.33
C GLY A 110 -22.84 2.50 7.55
N GLN A 111 -23.95 1.76 7.38
CA GLN A 111 -24.82 1.42 8.50
C GLN A 111 -24.13 0.51 9.52
N LEU A 112 -23.41 -0.48 8.98
CA LEU A 112 -22.57 -1.36 9.76
C LEU A 112 -21.49 -0.62 10.55
N GLN A 113 -20.92 0.44 9.99
CA GLN A 113 -19.85 1.18 10.70
C GLN A 113 -20.47 1.90 11.88
N ALA A 114 -21.61 2.54 11.64
CA ALA A 114 -22.33 3.26 12.66
C ALA A 114 -22.83 2.31 13.76
N GLU A 115 -23.15 1.06 13.41
CA GLU A 115 -23.68 0.11 14.37
C GLU A 115 -22.61 -0.42 15.32
N VAL A 116 -21.41 -0.65 14.79
CA VAL A 116 -20.23 -0.90 15.63
C VAL A 116 -19.99 0.24 16.60
N VAL A 117 -20.10 1.47 16.14
CA VAL A 117 -19.87 2.62 17.02
C VAL A 117 -20.89 2.59 18.17
N ARG A 118 -22.13 2.33 17.81
CA ARG A 118 -23.24 2.28 18.79
C ARG A 118 -23.04 1.12 19.78
N LYS A 119 -22.66 -0.04 19.28
CA LYS A 119 -22.34 -1.15 20.11
C LYS A 119 -21.18 -0.83 21.08
N GLY A 120 -20.31 0.09 20.69
CA GLY A 120 -19.24 0.53 21.55
C GLY A 120 -19.60 1.73 22.42
N LYS A 121 -20.90 2.08 22.45
CA LYS A 121 -21.43 3.15 23.29
C LYS A 121 -20.92 4.54 22.87
N GLY A 122 -20.69 4.73 21.56
CA GLY A 122 -20.19 6.05 21.08
C GLY A 122 -21.23 7.12 21.40
N LYS A 123 -20.77 8.31 21.79
CA LYS A 123 -21.68 9.41 22.12
C LYS A 123 -21.44 10.58 21.19
N ASN A 124 -20.15 10.90 20.99
CA ASN A 124 -19.66 12.01 20.19
C ASN A 124 -18.73 11.47 19.10
N VAL A 125 -19.19 11.52 17.85
CA VAL A 125 -18.59 10.75 16.77
C VAL A 125 -18.03 11.69 15.74
N LEU A 126 -16.84 11.40 15.23
CA LEU A 126 -16.28 12.17 14.11
C LEU A 126 -16.27 11.28 12.87
N ILE A 127 -16.81 11.79 11.78
CA ILE A 127 -16.86 11.08 10.54
C ILE A 127 -15.74 11.69 9.71
N VAL A 128 -14.64 10.97 9.58
CA VAL A 128 -13.52 11.45 8.80
C VAL A 128 -13.66 10.82 7.42
N HIS A 129 -13.88 11.65 6.41
CA HIS A 129 -14.28 11.08 5.10
C HIS A 129 -13.35 11.49 3.98
N GLU A 130 -13.23 10.59 3.02
CA GLU A 130 -12.59 10.87 1.75
C GLU A 130 -13.55 11.73 0.90
N ASN A 131 -13.16 11.99 -0.33
CA ASN A 131 -13.90 12.96 -1.12
C ASN A 131 -15.31 12.47 -1.44
N LEU A 132 -16.31 13.21 -0.94
CA LEU A 132 -17.73 12.81 -1.25
C LEU A 132 -18.14 12.86 -2.73
N LEU A 133 -17.33 13.47 -3.58
CA LEU A 133 -17.65 13.37 -5.02
C LEU A 133 -17.53 11.95 -5.57
N ILE A 134 -16.95 11.06 -4.76
CA ILE A 134 -16.84 9.65 -5.07
C ILE A 134 -18.07 8.94 -4.46
N ASP A 135 -18.91 8.36 -5.30
CA ASP A 135 -20.19 7.85 -4.85
C ASP A 135 -20.10 6.78 -3.73
N ALA A 136 -19.19 5.82 -3.86
CA ALA A 136 -19.01 4.81 -2.83
C ALA A 136 -18.81 5.50 -1.46
N PHE A 137 -17.97 6.55 -1.42
CA PHE A 137 -17.73 7.26 -0.15
C PHE A 137 -18.93 8.02 0.36
N HIS A 138 -19.63 8.65 -0.57
CA HIS A 138 -20.81 9.42 -0.26
C HIS A 138 -21.92 8.53 0.26
N GLN A 139 -22.16 7.43 -0.45
CA GLN A 139 -23.20 6.47 -0.06
C GLN A 139 -22.96 5.87 1.34
N ARG A 140 -21.68 5.57 1.63
CA ARG A 140 -21.25 5.08 2.95
C ARG A 140 -21.58 6.08 4.06
N VAL A 141 -21.23 7.34 3.83
CA VAL A 141 -21.48 8.41 4.81
C VAL A 141 -22.99 8.62 5.00
N GLN A 142 -23.78 8.49 3.93
CA GLN A 142 -25.27 8.41 4.06
C GLN A 142 -25.76 7.29 4.97
N GLY A 143 -25.17 6.10 4.85
CA GLY A 143 -25.49 4.97 5.75
C GLY A 143 -25.14 5.23 7.22
N ILE A 144 -24.02 5.90 7.44
CA ILE A 144 -23.62 6.24 8.80
C ILE A 144 -24.64 7.19 9.41
N LYS A 145 -24.93 8.27 8.66
CA LYS A 145 -25.83 9.33 9.11
C LYS A 145 -27.21 8.78 9.47
N TYR A 146 -27.67 7.82 8.66
CA TYR A 146 -28.94 7.15 8.89
C TYR A 146 -28.98 6.59 10.32
N ILE A 147 -28.10 5.64 10.65
CA ILE A 147 -28.04 5.06 12.00
C ILE A 147 -27.81 6.15 13.06
N LEU A 148 -26.84 7.02 12.82
CA LEU A 148 -26.49 8.00 13.83
C LEU A 148 -27.64 8.99 14.13
N ASP A 149 -28.31 9.46 13.07
CA ASP A 149 -29.40 10.42 13.19
C ASP A 149 -30.57 9.84 13.99
N GLN A 150 -30.86 8.54 13.77
CA GLN A 150 -31.79 7.76 14.59
C GLN A 150 -31.45 7.91 16.09
N ASP A 154 -24.84 12.16 18.14
CA ASP A 154 -24.14 13.42 17.82
C ASP A 154 -22.85 13.21 17.04
N TYR A 155 -22.71 13.90 15.91
CA TYR A 155 -21.53 13.75 15.06
C TYR A 155 -21.11 15.04 14.39
N LYS A 156 -19.87 15.03 13.92
CA LYS A 156 -19.36 16.12 13.11
C LYS A 156 -18.63 15.47 11.91
N MET A 157 -18.67 16.12 10.76
CA MET A 157 -17.97 15.61 9.58
C MET A 157 -16.67 16.36 9.36
N LEU A 158 -15.63 15.64 8.94
CA LEU A 158 -14.31 16.24 8.73
C LEU A 158 -13.68 15.65 7.50
N GLU A 159 -13.30 16.53 6.56
CA GLU A 159 -12.70 16.14 5.30
C GLU A 159 -11.31 15.56 5.63
N ALA A 160 -10.92 14.45 4.98
CA ALA A 160 -9.66 13.75 5.30
C ALA A 160 -8.41 14.67 5.21
N THR A 161 -8.46 15.69 4.36
CA THR A 161 -7.30 16.56 4.13
C THR A 161 -6.94 17.34 5.42
N LEU A 162 -7.93 17.54 6.27
CA LEU A 162 -7.74 18.26 7.51
C LEU A 162 -6.91 17.51 8.57
N LEU A 163 -6.69 16.20 8.38
CA LEU A 163 -5.76 15.46 9.24
C LEU A 163 -4.34 16.01 9.20
N ASP A 164 -4.00 16.77 8.15
CA ASP A 164 -2.63 17.28 7.96
C ASP A 164 -2.16 18.20 9.10
N ASN A 165 -3.08 18.98 9.64
CA ASN A 165 -2.79 19.72 10.84
C ASN A 165 -3.23 18.89 12.05
N ASP A 166 -2.33 18.05 12.54
CA ASP A 166 -2.64 17.17 13.66
C ASP A 166 -2.94 17.91 14.97
N LYS A 167 -2.26 19.01 15.24
CA LYS A 167 -2.56 19.82 16.41
C LYS A 167 -4.01 20.26 16.41
N LYS A 168 -4.49 20.83 15.30
CA LYS A 168 -5.87 21.30 15.27
C LYS A 168 -6.87 20.15 15.28
N PHE A 169 -6.51 19.02 14.68
CA PHE A 169 -7.33 17.82 14.73
C PHE A 169 -7.55 17.39 16.20
N ILE A 170 -6.48 17.31 16.96
CA ILE A 170 -6.52 16.88 18.37
C ILE A 170 -7.29 17.91 19.22
N ASP A 171 -7.06 19.19 18.95
CA ASP A 171 -7.88 20.24 19.56
C ASP A 171 -9.38 20.06 19.30
N LEU A 172 -9.77 19.72 18.07
CA LEU A 172 -11.18 19.41 17.78
C LEU A 172 -11.70 18.22 18.59
N ILE A 173 -10.92 17.13 18.61
CA ILE A 173 -11.23 15.95 19.40
C ILE A 173 -11.54 16.31 20.87
N LYS A 174 -10.66 17.13 21.46
CA LYS A 174 -10.83 17.61 22.84
C LYS A 174 -12.10 18.50 23.03
N GLU A 175 -12.27 19.50 22.18
CA GLU A 175 -13.38 20.47 22.31
C GLU A 175 -14.71 19.75 22.19
N LEU A 176 -14.77 18.82 21.25
CA LEU A 176 -15.97 18.07 21.00
C LEU A 176 -16.12 16.79 21.81
N SER A 177 -15.13 16.45 22.65
CA SER A 177 -15.21 15.25 23.49
C SER A 177 -15.45 13.99 22.66
N ILE A 178 -14.70 13.90 21.55
CA ILE A 178 -14.91 12.80 20.60
C ILE A 178 -14.48 11.48 21.22
N ASP A 179 -15.33 10.45 21.12
CA ASP A 179 -14.98 9.13 21.67
C ASP A 179 -15.03 8.06 20.59
N SER A 180 -15.50 8.46 19.40
CA SER A 180 -15.59 7.52 18.26
C SER A 180 -15.19 8.22 16.96
N ILE A 181 -14.43 7.52 16.12
CA ILE A 181 -14.12 8.05 14.78
C ILE A 181 -14.42 7.00 13.70
N ILE A 182 -15.31 7.36 12.79
CA ILE A 182 -15.62 6.56 11.62
C ILE A 182 -14.92 7.13 10.38
N CYS A 183 -14.08 6.30 9.76
CA CYS A 183 -13.26 6.68 8.60
C CYS A 183 -13.75 5.96 7.34
N SER A 184 -13.70 6.66 6.20
CA SER A 184 -14.13 6.08 4.88
C SER A 184 -13.40 4.80 4.47
N ASN A 185 -12.12 4.67 4.81
CA ASN A 185 -11.41 3.41 4.58
C ASN A 185 -10.24 3.16 5.58
N ASP A 186 -9.57 2.03 5.45
CA ASP A 186 -8.56 1.59 6.42
C ASP A 186 -7.34 2.51 6.40
N LEU A 187 -6.98 3.03 5.23
CA LEU A 187 -5.86 3.99 5.11
C LEU A 187 -6.06 5.24 5.98
N LEU A 188 -7.28 5.79 5.96
CA LEU A 188 -7.61 6.95 6.84
C LEU A 188 -7.65 6.57 8.32
N ALA A 189 -8.17 5.38 8.63
CA ALA A 189 -8.28 4.85 9.99
C ALA A 189 -6.90 4.70 10.60
N ILE A 190 -5.97 4.19 9.80
CA ILE A 190 -4.64 3.99 10.23
C ILE A 190 -3.90 5.31 10.50
N ASN A 191 -4.06 6.29 9.62
CA ASN A 191 -3.55 7.61 9.81
C ASN A 191 -4.15 8.20 11.13
N VAL A 192 -5.46 8.13 11.27
CA VAL A 192 -6.17 8.66 12.46
C VAL A 192 -5.65 7.98 13.74
N LEU A 193 -5.54 6.67 13.70
CA LEU A 193 -4.96 5.90 14.84
C LEU A 193 -3.59 6.41 15.31
N GLY A 194 -2.66 6.59 14.39
CA GLY A 194 -1.35 7.11 14.74
C GLY A 194 -1.34 8.55 15.28
N ILE A 195 -2.17 9.41 14.73
CA ILE A 195 -2.29 10.75 15.34
C ILE A 195 -2.82 10.71 16.78
N VAL A 196 -3.94 10.05 17.01
CA VAL A 196 -4.49 10.08 18.37
C VAL A 196 -3.59 9.36 19.36
N GLN A 197 -2.93 8.27 18.93
CA GLN A 197 -1.96 7.57 19.80
C GLN A 197 -0.73 8.40 20.11
N ARG A 198 -0.24 9.15 19.11
CA ARG A 198 0.92 10.01 19.38
C ARG A 198 0.58 11.18 20.35
N TYR A 199 -0.71 11.57 20.43
CA TYR A 199 -1.16 12.54 21.43
C TYR A 199 -1.75 11.91 22.71
N HIS A 200 -1.52 10.61 22.86
CA HIS A 200 -1.55 9.89 24.14
C HIS A 200 -2.94 9.41 24.48
N PHE A 201 -3.84 9.43 23.49
CA PHE A 201 -5.18 8.87 23.72
C PHE A 201 -5.12 7.38 23.65
N LYS A 202 -6.05 6.76 24.38
CA LYS A 202 -6.10 5.33 24.49
C LYS A 202 -7.13 4.83 23.50
N VAL A 203 -6.70 3.96 22.62
CA VAL A 203 -7.58 3.34 21.65
C VAL A 203 -7.67 1.86 22.03
N PRO A 204 -8.87 1.35 22.28
CA PRO A 204 -10.19 1.93 22.09
C PRO A 204 -10.89 2.55 23.30
N ALA A 205 -10.32 2.49 24.50
CA ALA A 205 -11.08 2.87 25.72
C ALA A 205 -11.54 4.33 25.69
N GLU A 206 -10.66 5.22 25.23
CA GLU A 206 -11.01 6.65 25.13
C GLU A 206 -11.56 7.05 23.77
N ILE A 207 -10.90 6.56 22.71
CA ILE A 207 -11.39 6.83 21.38
C ILE A 207 -11.41 5.52 20.59
N GLN A 208 -12.55 5.14 20.05
CA GLN A 208 -12.60 3.96 19.17
C GLN A 208 -12.60 4.37 17.70
N ILE A 209 -12.06 3.50 16.86
CA ILE A 209 -11.82 3.85 15.43
C ILE A 209 -12.28 2.68 14.54
N ILE A 210 -13.03 3.00 13.49
CA ILE A 210 -13.45 1.98 12.54
C ILE A 210 -13.08 2.40 11.08
N GLY A 211 -12.48 1.49 10.35
CA GLY A 211 -12.15 1.73 8.96
C GLY A 211 -13.10 1.02 8.01
N TYR A 212 -12.63 0.75 6.80
CA TYR A 212 -13.39 0.01 5.81
C TYR A 212 -12.44 -0.59 4.80
N ASP A 213 -12.74 -1.79 4.33
CA ASP A 213 -12.09 -2.49 3.20
C ASP A 213 -11.40 -3.78 3.63
N ASN A 214 -10.78 -3.77 4.81
CA ASN A 214 -9.99 -4.88 5.31
C ASN A 214 -8.73 -5.17 4.50
N ILE A 215 -7.97 -4.12 4.20
CA ILE A 215 -6.67 -4.26 3.59
C ILE A 215 -5.70 -4.86 4.63
N PRO A 216 -4.66 -5.54 4.18
CA PRO A 216 -3.76 -6.21 5.12
C PRO A 216 -3.13 -5.26 6.17
N PHE A 217 -2.97 -3.96 5.83
CA PHE A 217 -2.41 -2.99 6.77
C PHE A 217 -3.22 -2.95 8.04
N SER A 218 -4.55 -3.18 7.90
CA SER A 218 -5.50 -3.10 9.01
C SER A 218 -5.20 -4.10 10.13
N GLU A 219 -4.54 -5.20 9.77
CA GLU A 219 -4.13 -6.24 10.72
C GLU A 219 -2.73 -6.03 11.24
N MET A 220 -2.04 -5.01 10.77
CA MET A 220 -0.66 -4.76 11.18
C MET A 220 -0.46 -3.80 12.35
N THR A 221 -1.47 -3.00 12.66
CA THR A 221 -1.33 -2.00 13.71
C THR A 221 -1.59 -2.61 15.10
N TYR A 222 -1.13 -1.90 16.13
CA TYR A 222 -1.53 -2.16 17.49
C TYR A 222 -2.28 -0.97 18.10
N PRO A 223 -3.58 -1.12 18.40
CA PRO A 223 -4.45 -2.29 18.18
C PRO A 223 -4.77 -2.44 16.66
N GLN A 224 -5.26 -3.62 16.29
CA GLN A 224 -5.69 -3.86 14.93
C GLN A 224 -6.98 -3.14 14.66
N ILE A 225 -7.19 -2.74 13.40
CA ILE A 225 -8.28 -1.84 13.05
C ILE A 225 -9.54 -2.61 12.76
N THR A 226 -10.59 -2.36 13.55
CA THR A 226 -11.90 -2.92 13.24
C THR A 226 -12.38 -2.36 11.89
N THR A 227 -12.88 -3.23 11.01
CA THR A 227 -13.08 -2.83 9.60
C THR A 227 -14.21 -3.66 8.96
N ILE A 228 -14.58 -3.34 7.71
CA ILE A 228 -15.61 -4.07 6.96
C ILE A 228 -14.97 -4.68 5.76
N ASP A 229 -14.97 -6.01 5.68
CA ASP A 229 -14.39 -6.75 4.57
C ASP A 229 -15.34 -6.71 3.35
N GLN A 230 -14.80 -6.25 2.23
CA GLN A 230 -15.51 -6.09 0.96
C GLN A 230 -15.13 -7.20 -0.05
N SER A 231 -14.29 -8.13 0.41
CA SER A 231 -13.80 -9.25 -0.42
C SER A 231 -13.16 -8.73 -1.72
N ALA A 232 -12.17 -7.85 -1.56
CA ALA A 232 -11.53 -7.16 -2.68
C ALA A 232 -11.03 -8.10 -3.80
N TYR A 233 -10.33 -9.17 -3.42
CA TYR A 233 -9.70 -10.05 -4.42
C TYR A 233 -10.79 -10.73 -5.19
N HIS A 234 -11.84 -11.09 -4.45
CA HIS A 234 -12.95 -11.81 -5.02
C HIS A 234 -13.80 -10.88 -5.89
N LEU A 235 -13.84 -9.60 -5.53
CA LEU A 235 -14.43 -8.57 -6.41
C LEU A 235 -13.76 -8.51 -7.78
N GLY A 236 -12.43 -8.47 -7.82
CA GLY A 236 -11.71 -8.46 -9.09
C GLY A 236 -12.01 -9.72 -9.90
N GLU A 237 -12.15 -10.84 -9.19
CA GLU A 237 -12.34 -12.16 -9.83
C GLU A 237 -13.68 -12.20 -10.52
N ILE A 238 -14.70 -11.81 -9.76
CA ILE A 238 -16.07 -11.71 -10.26
C ILE A 238 -16.17 -10.70 -11.39
N ALA A 239 -15.44 -9.57 -11.29
CA ALA A 239 -15.59 -8.52 -12.27
C ALA A 239 -15.16 -9.03 -13.62
N VAL A 240 -14.01 -9.69 -13.67
CA VAL A 240 -13.49 -10.14 -14.94
C VAL A 240 -14.34 -11.33 -15.45
N SER A 241 -14.92 -12.09 -14.51
CA SER A 241 -15.75 -13.24 -14.88
C SER A 241 -17.05 -12.79 -15.48
N GLN A 242 -17.66 -11.76 -14.92
CA GLN A 242 -18.84 -11.16 -15.54
C GLN A 242 -18.52 -10.66 -16.94
N LEU A 243 -17.27 -10.26 -17.16
CA LEU A 243 -16.83 -9.72 -18.43
C LEU A 243 -16.57 -10.78 -19.49
N LEU A 244 -16.30 -12.01 -19.08
CA LEU A 244 -15.93 -13.03 -20.06
C LEU A 244 -16.93 -14.21 -20.15
N ALA A 259 -20.66 -10.76 0.18
CA ALA A 259 -21.37 -9.84 1.09
C ALA A 259 -20.41 -9.28 2.14
N LEU A 260 -20.82 -8.21 2.79
CA LEU A 260 -19.98 -7.50 3.75
C LEU A 260 -19.96 -8.23 5.09
N THR A 261 -18.78 -8.33 5.68
CA THR A 261 -18.64 -8.91 7.03
C THR A 261 -17.80 -7.95 7.90
N VAL A 262 -18.31 -7.61 9.10
CA VAL A 262 -17.51 -6.89 10.11
C VAL A 262 -16.37 -7.71 10.67
N LYS A 263 -15.17 -7.11 10.70
CA LYS A 263 -14.01 -7.69 11.37
C LYS A 263 -13.77 -6.92 12.68
N HIS A 264 -14.37 -7.41 13.76
CA HIS A 264 -14.22 -6.84 15.11
C HIS A 264 -12.82 -7.07 15.64
N ARG A 265 -12.09 -5.99 15.90
CA ARG A 265 -10.69 -6.11 16.36
C ARG A 265 -10.44 -5.14 17.53
N GLY A 266 -9.17 -4.88 17.86
CA GLY A 266 -8.81 -4.11 19.08
C GLY A 266 -9.23 -2.64 19.10
N SER A 267 -9.49 -2.07 17.92
CA SER A 267 -9.66 -0.61 17.81
C SER A 267 -11.06 -0.11 18.18
N THR A 268 -11.96 -1.05 18.49
CA THR A 268 -13.33 -0.68 18.91
C THR A 268 -13.69 -1.30 20.26
N ARG A 269 -14.59 -0.62 20.96
CA ARG A 269 -15.09 -1.11 22.25
C ARG A 269 -16.22 -2.15 22.12
N HIS A 272 -14.94 -7.87 23.84
CA HIS A 272 -15.00 -9.25 23.33
C HIS A 272 -13.60 -9.94 23.27
N HIS A 273 -12.76 -9.49 22.33
CA HIS A 273 -11.33 -9.78 22.35
C HIS A 273 -10.70 -8.80 23.32
N HIS A 274 -9.83 -9.30 24.20
CA HIS A 274 -9.15 -8.33 25.11
C HIS A 274 -7.66 -8.22 24.74
N HIS A 275 -6.94 -9.31 24.93
CA HIS A 275 -5.54 -9.31 24.47
C HIS A 275 -5.20 -10.66 23.86
N HIS A 276 -3.97 -10.75 23.33
CA HIS A 276 -3.46 -11.90 22.53
C HIS A 276 -2.65 -12.94 23.29
N HIS A 277 -2.40 -12.73 24.58
CA HIS A 277 -1.67 -13.76 25.31
C HIS A 277 -2.55 -14.98 25.56
N LEU B 10 3.75 5.59 -25.46
CA LEU B 10 3.44 4.47 -24.51
C LEU B 10 4.69 4.00 -23.82
N ILE B 11 4.59 4.01 -22.50
CA ILE B 11 5.66 3.55 -21.67
C ILE B 11 5.08 2.43 -20.85
N GLY B 12 5.80 1.30 -20.86
CA GLY B 12 5.45 0.13 -20.12
C GLY B 12 6.17 0.18 -18.80
N LEU B 13 5.41 0.20 -17.71
CA LEU B 13 5.95 0.15 -16.36
C LEU B 13 5.56 -1.21 -15.79
N LEU B 14 6.59 -2.01 -15.46
CA LEU B 14 6.37 -3.31 -14.86
C LEU B 14 6.90 -3.30 -13.46
N LEU B 15 5.97 -3.28 -12.53
CA LEU B 15 6.20 -3.19 -11.12
C LEU B 15 6.32 -4.61 -10.56
N PRO B 16 7.26 -4.88 -9.64
CA PRO B 16 7.30 -6.22 -9.05
C PRO B 16 6.13 -6.46 -8.08
N ASP B 17 5.74 -5.44 -7.33
CA ASP B 17 4.68 -5.58 -6.34
C ASP B 17 3.90 -4.25 -6.16
N MET B 18 2.81 -4.08 -6.91
CA MET B 18 2.07 -2.84 -6.77
C MET B 18 1.28 -2.73 -5.48
N SER B 19 1.25 -3.79 -4.66
CA SER B 19 0.68 -3.63 -3.30
C SER B 19 1.65 -2.89 -2.36
N ASN B 20 2.91 -2.83 -2.73
CA ASN B 20 3.92 -2.15 -1.94
C ASN B 20 3.95 -0.64 -2.29
N PRO B 21 3.70 0.25 -1.31
CA PRO B 21 3.67 1.68 -1.64
C PRO B 21 5.01 2.26 -2.10
N PHE B 22 6.12 1.59 -1.84
CA PHE B 22 7.40 1.98 -2.46
C PHE B 22 7.30 2.00 -4.00
N PHE B 23 6.67 0.98 -4.57
CA PHE B 23 6.54 0.89 -6.02
C PHE B 23 5.44 1.78 -6.61
N THR B 24 4.34 1.97 -5.89
CA THR B 24 3.33 2.82 -6.50
C THR B 24 3.75 4.32 -6.48
N LEU B 25 4.63 4.68 -5.54
CA LEU B 25 5.25 5.98 -5.51
C LEU B 25 6.26 6.19 -6.67
N ILE B 26 7.03 5.16 -6.98
CA ILE B 26 7.86 5.18 -8.19
C ILE B 26 6.95 5.41 -9.37
N ALA B 27 5.85 4.64 -9.41
CA ALA B 27 4.90 4.74 -10.49
C ALA B 27 4.35 6.16 -10.66
N ARG B 28 4.14 6.85 -9.54
CA ARG B 28 3.65 8.24 -9.58
C ARG B 28 4.66 9.14 -10.24
N GLY B 29 5.89 9.03 -9.78
CA GLY B 29 7.05 9.65 -10.45
C GLY B 29 7.02 9.46 -11.96
N VAL B 30 6.86 8.20 -12.38
CA VAL B 30 6.89 7.83 -13.78
C VAL B 30 5.73 8.50 -14.54
N GLU B 31 4.52 8.32 -14.02
CA GLU B 31 3.30 8.91 -14.57
C GLU B 31 3.42 10.43 -14.75
N ASP B 32 3.90 11.13 -13.72
CA ASP B 32 3.92 12.60 -13.73
C ASP B 32 4.86 13.17 -14.79
N VAL B 33 6.08 12.66 -14.84
CA VAL B 33 7.01 13.05 -15.91
C VAL B 33 6.44 12.61 -17.25
N ALA B 34 6.03 11.35 -17.37
CA ALA B 34 5.49 10.84 -18.63
C ALA B 34 4.37 11.74 -19.21
N LEU B 35 3.38 12.11 -18.39
CA LEU B 35 2.27 12.95 -18.89
C LEU B 35 2.70 14.36 -19.25
N ALA B 36 3.59 14.94 -18.43
CA ALA B 36 4.21 16.24 -18.74
C ALA B 36 4.86 16.31 -20.15
N HIS B 37 5.18 15.15 -20.70
CA HIS B 37 5.81 15.04 -21.99
C HIS B 37 4.91 14.38 -23.04
N GLY B 38 3.65 14.17 -22.71
CA GLY B 38 2.67 13.63 -23.64
C GLY B 38 2.56 12.12 -23.78
N TYR B 39 3.08 11.37 -22.80
CA TYR B 39 3.05 9.90 -22.80
C TYR B 39 1.99 9.38 -21.81
N GLN B 40 1.44 8.20 -22.07
CA GLN B 40 0.78 7.46 -20.98
C GLN B 40 1.58 6.23 -20.54
N VAL B 41 1.32 5.83 -19.30
CA VAL B 41 1.97 4.68 -18.66
C VAL B 41 0.97 3.54 -18.46
N LEU B 42 1.27 2.38 -19.06
CA LEU B 42 0.61 1.11 -18.71
C LEU B 42 1.34 0.45 -17.58
N ILE B 43 0.59 -0.06 -16.61
CA ILE B 43 1.15 -0.65 -15.42
C ILE B 43 0.89 -2.17 -15.53
N GLY B 44 1.94 -2.94 -15.19
CA GLY B 44 1.82 -4.34 -14.93
C GLY B 44 2.33 -4.65 -13.54
N ASN B 45 1.63 -5.55 -12.84
CA ASN B 45 2.13 -6.05 -11.59
C ASN B 45 2.64 -7.44 -11.91
N SER B 46 3.94 -7.64 -11.75
CA SER B 46 4.51 -8.96 -11.99
C SER B 46 4.14 -9.90 -10.82
N ASP B 47 3.71 -9.32 -9.70
CA ASP B 47 3.31 -10.06 -8.50
C ASP B 47 4.45 -10.98 -8.03
N ASN B 48 5.67 -10.56 -8.34
CA ASN B 48 6.90 -11.32 -8.10
C ASN B 48 7.01 -12.66 -8.88
N ASP B 49 6.39 -12.69 -10.06
CA ASP B 49 6.24 -13.94 -10.84
C ASP B 49 6.79 -13.84 -12.27
N ILE B 50 7.67 -14.76 -12.67
CA ILE B 50 8.32 -14.70 -13.99
C ILE B 50 7.37 -14.87 -15.18
N LYS B 51 6.40 -15.77 -15.05
CA LYS B 51 5.36 -15.93 -16.08
C LYS B 51 4.61 -14.62 -16.29
N LYS B 52 4.14 -14.02 -15.20
CA LYS B 52 3.44 -12.73 -15.25
C LYS B 52 4.30 -11.65 -15.90
N ALA B 53 5.58 -11.60 -15.51
CA ALA B 53 6.53 -10.60 -16.03
C ALA B 53 6.68 -10.83 -17.50
N GLN B 54 6.91 -12.08 -17.86
CA GLN B 54 7.01 -12.47 -19.26
C GLN B 54 5.74 -12.02 -20.04
N GLY B 55 4.56 -12.20 -19.42
CA GLY B 55 3.29 -11.75 -20.03
C GLY B 55 3.21 -10.27 -20.38
N TYR B 56 3.76 -9.44 -19.49
CA TYR B 56 3.68 -8.01 -19.61
C TYR B 56 4.70 -7.50 -20.58
N LEU B 57 5.89 -8.10 -20.57
CA LEU B 57 6.86 -7.80 -21.61
C LEU B 57 6.17 -7.99 -22.97
N ALA B 58 5.52 -9.15 -23.16
CA ALA B 58 4.79 -9.44 -24.41
C ALA B 58 3.65 -8.42 -24.61
N THR B 59 2.81 -8.22 -23.58
CA THR B 59 1.82 -7.14 -23.65
C THR B 59 2.44 -5.80 -24.13
N PHE B 60 3.45 -5.32 -23.42
CA PHE B 60 4.10 -4.05 -23.73
C PHE B 60 4.73 -4.08 -25.10
N VAL B 61 5.37 -5.18 -25.47
CA VAL B 61 5.98 -5.26 -26.82
C VAL B 61 4.88 -5.26 -27.90
N SER B 62 3.87 -6.12 -27.73
CA SER B 62 2.74 -6.21 -28.64
C SER B 62 2.17 -4.82 -28.95
N HIS B 63 1.90 -4.05 -27.90
CA HIS B 63 1.29 -2.74 -28.03
C HIS B 63 2.22 -1.56 -28.31
N ASN B 64 3.38 -1.88 -28.88
CA ASN B 64 4.32 -0.87 -29.42
C ASN B 64 4.83 0.22 -28.47
N CYS B 65 5.03 -0.15 -27.20
CA CYS B 65 5.60 0.72 -26.18
C CYS B 65 6.93 1.30 -26.67
N THR B 66 7.14 2.60 -26.46
CA THR B 66 8.40 3.22 -26.88
C THR B 66 9.52 3.03 -25.83
N GLY B 67 9.16 2.53 -24.65
CA GLY B 67 10.18 2.16 -23.65
C GLY B 67 9.64 1.42 -22.44
N MET B 68 10.51 0.66 -21.77
CA MET B 68 10.08 -0.15 -20.66
C MET B 68 10.86 0.20 -19.38
N ILE B 69 10.14 0.20 -18.27
CA ILE B 69 10.72 0.42 -16.97
C ILE B 69 10.33 -0.77 -16.07
N SER B 70 11.32 -1.40 -15.47
CA SER B 70 11.08 -2.49 -14.51
C SER B 70 12.29 -2.69 -13.63
N THR B 71 12.30 -3.78 -12.86
CA THR B 71 13.44 -4.10 -12.01
C THR B 71 14.23 -5.11 -12.82
N ALA B 72 15.47 -5.37 -12.40
CA ALA B 72 16.39 -6.27 -13.12
C ALA B 72 16.09 -7.74 -12.85
N PHE B 73 15.07 -8.04 -12.07
CA PHE B 73 14.78 -9.43 -11.77
C PHE B 73 14.73 -10.24 -13.06
N ASN B 74 14.10 -9.70 -14.10
CA ASN B 74 13.96 -10.44 -15.35
C ASN B 74 14.87 -9.91 -16.45
N GLU B 75 15.95 -9.26 -16.04
CA GLU B 75 16.91 -8.62 -16.96
C GLU B 75 17.29 -9.40 -18.20
N ASN B 76 17.41 -10.73 -18.12
CA ASN B 76 17.86 -11.50 -19.28
C ASN B 76 16.83 -11.55 -20.40
N ILE B 77 15.60 -11.94 -20.06
CA ILE B 77 14.54 -12.01 -21.06
C ILE B 77 14.16 -10.60 -21.55
N ILE B 78 14.18 -9.61 -20.67
CA ILE B 78 13.93 -8.20 -21.08
C ILE B 78 14.99 -7.76 -22.07
N GLU B 79 16.25 -7.79 -21.65
CA GLU B 79 17.35 -7.34 -22.49
C GLU B 79 17.26 -7.96 -23.87
N ASN B 80 17.16 -9.29 -23.91
CA ASN B 80 17.07 -10.06 -25.15
C ASN B 80 15.89 -9.71 -26.06
N THR B 81 14.70 -9.56 -25.47
CA THR B 81 13.49 -9.31 -26.26
C THR B 81 13.46 -7.86 -26.75
N LEU B 82 13.86 -6.94 -25.89
CA LEU B 82 13.78 -5.52 -26.19
C LEU B 82 14.86 -5.04 -27.16
N THR B 83 16.06 -5.61 -27.04
CA THR B 83 17.17 -5.19 -27.90
C THR B 83 16.86 -5.58 -29.32
N ASP B 84 16.31 -6.79 -29.47
CA ASP B 84 15.74 -7.31 -30.73
C ASP B 84 14.71 -6.38 -31.38
N HIS B 85 13.92 -5.68 -30.57
CA HIS B 85 12.85 -4.83 -31.08
C HIS B 85 13.25 -3.37 -31.07
N HIS B 86 14.52 -3.10 -30.75
CA HIS B 86 15.05 -1.73 -30.58
C HIS B 86 14.18 -0.86 -29.66
N ILE B 87 13.84 -1.40 -28.49
CA ILE B 87 13.09 -0.70 -27.46
C ILE B 87 13.97 -0.52 -26.21
N PRO B 88 14.24 0.73 -25.82
CA PRO B 88 15.10 0.93 -24.67
C PRO B 88 14.36 0.63 -23.37
N PHE B 89 15.10 0.55 -22.26
CA PHE B 89 14.53 0.11 -20.99
C PHE B 89 15.46 0.59 -19.90
N VAL B 90 14.91 0.81 -18.71
CA VAL B 90 15.72 1.16 -17.58
C VAL B 90 15.34 0.21 -16.46
N PHE B 91 16.30 -0.09 -15.61
CA PHE B 91 16.04 -0.92 -14.46
C PHE B 91 16.14 -0.02 -13.25
N ILE B 92 15.03 0.12 -12.51
CA ILE B 92 15.05 1.11 -11.41
C ILE B 92 15.91 0.71 -10.23
N ASP B 93 16.17 -0.59 -10.11
CA ASP B 93 17.02 -1.07 -9.06
C ASP B 93 18.42 -1.20 -9.66
N ASN B 100 22.12 1.20 -17.78
CA ASN B 100 20.65 1.01 -17.69
C ASN B 100 20.05 0.98 -16.26
N GLY B 101 20.90 1.24 -15.24
CA GLY B 101 20.47 1.28 -13.82
C GLY B 101 20.32 2.72 -13.33
N ILE B 102 19.62 2.93 -12.21
CA ILE B 102 19.37 4.33 -11.77
C ILE B 102 19.31 4.47 -10.27
N SER B 103 19.39 3.34 -9.58
CA SER B 103 19.16 3.29 -8.16
C SER B 103 20.32 3.84 -7.34
N THR B 104 19.97 4.23 -6.13
CA THR B 104 20.89 4.37 -5.03
C THR B 104 21.49 3.01 -4.72
N ASN B 105 22.51 3.00 -3.89
CA ASN B 105 23.23 1.79 -3.59
C ASN B 105 22.69 1.03 -2.35
N HIS B 106 22.22 -0.18 -2.58
CA HIS B 106 21.53 -0.94 -1.55
C HIS B 106 22.45 -1.45 -0.48
N PHE B 107 23.71 -1.75 -0.85
CA PHE B 107 24.76 -2.14 0.09
C PHE B 107 24.98 -1.00 1.09
N LYS B 108 25.07 0.23 0.60
CA LYS B 108 25.26 1.41 1.42
C LYS B 108 24.04 1.62 2.32
N GLY B 109 22.84 1.44 1.76
CA GLY B 109 21.61 1.47 2.56
C GLY B 109 21.60 0.51 3.73
N GLY B 110 22.03 -0.72 3.50
CA GLY B 110 22.17 -1.70 4.60
C GLY B 110 23.15 -1.28 5.69
N GLN B 111 24.27 -0.69 5.28
CA GLN B 111 25.24 -0.12 6.24
C GLN B 111 24.59 0.94 7.12
N LEU B 112 23.72 1.75 6.52
CA LEU B 112 23.05 2.81 7.19
C LEU B 112 22.08 2.28 8.22
N GLN B 113 21.41 1.16 7.87
CA GLN B 113 20.50 0.48 8.81
C GLN B 113 21.26 -0.03 10.04
N ALA B 114 22.38 -0.72 9.80
CA ALA B 114 23.20 -1.28 10.85
C ALA B 114 23.84 -0.19 11.76
N GLU B 115 24.17 0.96 11.19
CA GLU B 115 24.75 2.07 11.97
C GLU B 115 23.75 2.64 12.96
N VAL B 116 22.50 2.83 12.51
CA VAL B 116 21.43 3.24 13.40
C VAL B 116 21.32 2.25 14.56
N VAL B 117 21.38 0.95 14.27
CA VAL B 117 21.34 -0.05 15.32
C VAL B 117 22.55 0.04 16.28
N ARG B 118 23.75 0.21 15.71
CA ARG B 118 24.96 0.34 16.52
C ARG B 118 24.81 1.51 17.49
N LYS B 119 24.31 2.61 16.98
CA LYS B 119 24.12 3.80 17.80
C LYS B 119 23.10 3.57 18.89
N GLY B 120 22.05 2.82 18.56
CA GLY B 120 21.05 2.41 19.53
C GLY B 120 21.53 1.35 20.50
N LYS B 121 22.83 1.11 20.54
CA LYS B 121 23.43 0.10 21.39
C LYS B 121 22.88 -1.34 21.20
N GLY B 122 22.77 -1.77 19.95
CA GLY B 122 22.18 -3.06 19.66
C GLY B 122 23.17 -4.13 20.01
N LYS B 123 22.70 -5.21 20.62
CA LYS B 123 23.58 -6.27 21.02
C LYS B 123 23.18 -7.58 20.34
N ASN B 124 21.86 -7.85 20.29
CA ASN B 124 21.29 -9.07 19.68
C ASN B 124 20.31 -8.63 18.60
N VAL B 125 20.71 -8.81 17.33
CA VAL B 125 20.01 -8.22 16.20
C VAL B 125 19.35 -9.33 15.39
N LEU B 126 18.07 -9.17 15.09
CA LEU B 126 17.36 -10.08 14.18
C LEU B 126 17.24 -9.32 12.86
N ILE B 127 17.74 -9.92 11.79
CA ILE B 127 17.60 -9.37 10.43
C ILE B 127 16.41 -10.07 9.78
N VAL B 128 15.30 -9.36 9.66
CA VAL B 128 14.06 -9.90 9.10
C VAL B 128 14.02 -9.49 7.62
N HIS B 129 14.11 -10.47 6.74
CA HIS B 129 14.40 -10.14 5.37
C HIS B 129 13.37 -10.62 4.38
N GLU B 130 13.26 -9.86 3.30
CA GLU B 130 12.51 -10.26 2.16
C GLU B 130 13.32 -11.28 1.36
N ASN B 131 12.75 -11.69 0.23
CA ASN B 131 13.35 -12.66 -0.67
C ASN B 131 14.75 -12.24 -1.15
N LEU B 132 15.77 -13.01 -0.76
CA LEU B 132 17.19 -12.70 -1.16
C LEU B 132 17.51 -13.04 -2.60
N LEU B 133 16.53 -13.62 -3.31
CA LEU B 133 16.62 -13.74 -4.75
C LEU B 133 16.72 -12.37 -5.40
N ILE B 134 16.09 -11.39 -4.77
CA ILE B 134 16.09 -10.02 -5.26
C ILE B 134 17.37 -9.28 -4.88
N ASP B 135 18.08 -8.80 -5.90
CA ASP B 135 19.43 -8.24 -5.69
C ASP B 135 19.45 -7.14 -4.65
N ALA B 136 18.50 -6.21 -4.75
CA ALA B 136 18.38 -5.09 -3.81
C ALA B 136 18.36 -5.61 -2.37
N PHE B 137 17.49 -6.60 -2.12
CA PHE B 137 17.38 -7.13 -0.79
C PHE B 137 18.63 -7.82 -0.29
N HIS B 138 19.23 -8.63 -1.16
CA HIS B 138 20.43 -9.37 -0.81
C HIS B 138 21.63 -8.41 -0.51
N GLN B 139 21.80 -7.38 -1.35
CA GLN B 139 22.91 -6.40 -1.23
C GLN B 139 22.75 -5.63 0.08
N ARG B 140 21.50 -5.27 0.39
CA ARG B 140 21.21 -4.52 1.59
C ARG B 140 21.62 -5.35 2.79
N VAL B 141 21.33 -6.65 2.74
CA VAL B 141 21.67 -7.54 3.83
C VAL B 141 23.21 -7.64 4.03
N GLN B 142 23.95 -7.68 2.93
CA GLN B 142 25.43 -7.70 3.02
C GLN B 142 25.96 -6.40 3.63
N GLY B 143 25.28 -5.29 3.32
CA GLY B 143 25.54 -4.00 3.94
C GLY B 143 25.45 -4.09 5.44
N ILE B 144 24.34 -4.66 5.93
CA ILE B 144 24.12 -4.78 7.36
C ILE B 144 25.21 -5.63 7.99
N LYS B 145 25.48 -6.77 7.37
CA LYS B 145 26.44 -7.75 7.90
C LYS B 145 27.86 -7.15 7.91
N TYR B 146 28.20 -6.39 6.87
CA TYR B 146 29.44 -5.62 6.83
C TYR B 146 29.67 -4.82 8.11
N ILE B 147 28.69 -3.99 8.49
CA ILE B 147 28.83 -3.20 9.71
C ILE B 147 28.79 -4.08 10.97
N LEU B 148 27.78 -4.94 11.11
CA LEU B 148 27.68 -5.75 12.32
C LEU B 148 28.85 -6.68 12.58
N ASP B 149 29.40 -7.31 11.55
CA ASP B 149 30.63 -8.12 11.70
C ASP B 149 31.84 -7.32 12.27
N GLN B 150 32.19 -6.20 11.62
CA GLN B 150 33.20 -5.27 12.17
C GLN B 150 32.98 -4.92 13.66
N GLN B 151 31.72 -4.74 14.04
CA GLN B 151 31.34 -4.36 15.39
C GLN B 151 31.27 -5.54 16.34
N ARG B 152 31.43 -6.74 15.81
CA ARG B 152 31.18 -7.98 16.56
C ARG B 152 29.87 -7.93 17.33
N ILE B 153 28.85 -7.44 16.65
CA ILE B 153 27.47 -7.49 17.15
C ILE B 153 26.83 -8.77 16.58
N ASP B 154 26.26 -9.58 17.46
CA ASP B 154 25.54 -10.83 17.11
C ASP B 154 24.24 -10.59 16.33
N TYR B 155 24.00 -11.41 15.31
CA TYR B 155 22.76 -11.28 14.55
C TYR B 155 22.29 -12.63 14.04
N LYS B 156 21.00 -12.71 13.79
CA LYS B 156 20.44 -13.93 13.23
C LYS B 156 19.56 -13.48 12.06
N MET B 157 19.36 -14.33 11.06
CA MET B 157 18.57 -13.93 9.89
C MET B 157 17.25 -14.71 9.87
N LEU B 158 16.12 -14.02 9.67
CA LEU B 158 14.80 -14.67 9.68
C LEU B 158 14.06 -14.26 8.43
N GLU B 159 13.60 -15.22 7.64
CA GLU B 159 12.76 -14.85 6.49
C GLU B 159 11.36 -14.38 6.85
N ALA B 160 10.90 -13.32 6.19
CA ALA B 160 9.71 -12.59 6.61
C ALA B 160 8.38 -13.40 6.61
N THR B 161 8.34 -14.49 5.86
CA THR B 161 7.18 -15.39 5.94
C THR B 161 6.96 -15.93 7.37
N LEU B 162 8.04 -16.21 8.09
CA LEU B 162 7.91 -16.80 9.41
C LEU B 162 7.38 -15.76 10.42
N LEU B 163 7.06 -14.57 9.91
CA LEU B 163 6.27 -13.56 10.63
C LEU B 163 4.77 -13.93 10.74
N ASP B 164 4.27 -14.72 9.78
CA ASP B 164 2.82 -15.12 9.71
C ASP B 164 2.20 -15.77 10.98
N ASN B 165 3.00 -16.55 11.72
CA ASN B 165 2.62 -17.06 13.05
C ASN B 165 3.21 -16.21 14.19
N ASP B 166 2.43 -15.28 14.72
CA ASP B 166 3.09 -14.30 15.57
C ASP B 166 3.59 -14.80 16.95
N LYS B 167 2.89 -15.75 17.55
CA LYS B 167 3.37 -16.39 18.78
C LYS B 167 4.72 -17.10 18.63
N LYS B 168 4.95 -17.78 17.50
CA LYS B 168 6.25 -18.41 17.23
C LYS B 168 7.39 -17.36 17.02
N PHE B 169 7.05 -16.24 16.39
CA PHE B 169 8.00 -15.16 16.26
C PHE B 169 8.45 -14.65 17.65
N ILE B 170 7.46 -14.42 18.51
CA ILE B 170 7.71 -13.95 19.87
C ILE B 170 8.57 -14.92 20.67
N ASP B 171 8.33 -16.22 20.51
CA ASP B 171 9.12 -17.25 21.20
C ASP B 171 10.57 -17.09 20.83
N LEU B 172 10.80 -16.82 19.55
CA LEU B 172 12.16 -16.69 19.03
C LEU B 172 12.86 -15.42 19.57
N ILE B 173 12.16 -14.30 19.46
CA ILE B 173 12.56 -13.02 20.07
C ILE B 173 12.97 -13.15 21.54
N LYS B 174 12.18 -13.85 22.34
CA LYS B 174 12.50 -14.06 23.75
C LYS B 174 13.73 -14.95 23.92
N GLU B 175 13.77 -16.08 23.20
CA GLU B 175 14.84 -17.04 23.35
C GLU B 175 16.20 -16.47 23.03
N LEU B 176 16.21 -15.64 21.97
CA LEU B 176 17.40 -15.00 21.47
C LEU B 176 17.68 -13.63 22.15
N SER B 177 16.79 -13.17 23.03
CA SER B 177 16.96 -11.85 23.69
C SER B 177 17.20 -10.69 22.71
N ILE B 178 16.45 -10.71 21.61
CA ILE B 178 16.59 -9.72 20.57
C ILE B 178 16.26 -8.33 21.14
N ASP B 179 17.07 -7.35 20.79
CA ASP B 179 16.82 -5.98 21.26
C ASP B 179 16.78 -5.03 20.10
N SER B 180 17.11 -5.57 18.90
CA SER B 180 17.14 -4.78 17.66
C SER B 180 16.64 -5.60 16.45
N ILE B 181 15.80 -5.01 15.61
CA ILE B 181 15.30 -5.71 14.45
C ILE B 181 15.48 -4.84 13.21
N ILE B 182 16.24 -5.34 12.24
CA ILE B 182 16.41 -4.61 10.98
C ILE B 182 15.62 -5.34 9.92
N CYS B 183 14.74 -4.60 9.26
CA CYS B 183 13.81 -5.15 8.25
C CYS B 183 14.19 -4.67 6.87
N SER B 184 14.00 -5.54 5.87
CA SER B 184 14.23 -5.18 4.47
C SER B 184 13.41 -4.01 3.99
N ASN B 185 12.16 -3.83 4.46
CA ASN B 185 11.44 -2.63 4.04
C ASN B 185 10.47 -2.21 5.12
N ASP B 186 9.68 -1.18 4.88
CA ASP B 186 8.81 -0.60 5.90
C ASP B 186 7.57 -1.49 6.12
N LEU B 187 7.13 -2.23 5.10
CA LEU B 187 6.03 -3.19 5.33
C LEU B 187 6.46 -4.24 6.34
N LEU B 188 7.70 -4.73 6.27
CA LEU B 188 8.14 -5.71 7.25
C LEU B 188 8.24 -5.06 8.64
N ALA B 189 8.80 -3.86 8.69
CA ALA B 189 9.05 -3.16 9.98
C ALA B 189 7.74 -2.91 10.69
N ILE B 190 6.77 -2.45 9.94
CA ILE B 190 5.48 -2.11 10.48
C ILE B 190 4.76 -3.34 11.04
N ASN B 191 4.78 -4.42 10.26
CA ASN B 191 4.20 -5.67 10.70
C ASN B 191 4.87 -6.13 12.01
N VAL B 192 6.19 -6.15 12.03
CA VAL B 192 6.99 -6.51 13.20
C VAL B 192 6.63 -5.64 14.43
N LEU B 193 6.49 -4.34 14.21
CA LEU B 193 6.12 -3.39 15.29
C LEU B 193 4.81 -3.80 15.96
N GLY B 194 3.80 -4.11 15.14
CA GLY B 194 2.50 -4.50 15.63
C GLY B 194 2.68 -5.78 16.42
N ILE B 195 3.47 -6.71 15.90
CA ILE B 195 3.62 -7.97 16.62
C ILE B 195 4.22 -7.80 18.01
N VAL B 196 5.35 -7.07 18.10
CA VAL B 196 6.00 -6.96 19.38
C VAL B 196 5.14 -6.15 20.34
N GLN B 197 4.45 -5.13 19.84
CA GLN B 197 3.65 -4.30 20.71
C GLN B 197 2.49 -5.06 21.27
N ARG B 198 1.86 -5.89 20.43
CA ARG B 198 0.74 -6.73 20.79
C ARG B 198 1.13 -7.74 21.89
N TYR B 199 2.41 -8.13 21.94
CA TYR B 199 2.92 -9.04 22.97
C TYR B 199 3.68 -8.31 24.08
N HIS B 200 3.46 -6.99 24.12
CA HIS B 200 3.82 -6.10 25.24
C HIS B 200 5.31 -5.94 25.37
N PHE B 201 5.97 -5.83 24.23
CA PHE B 201 7.36 -5.37 24.25
C PHE B 201 7.31 -3.87 24.08
N LYS B 202 8.24 -3.18 24.76
CA LYS B 202 8.37 -1.76 24.66
C LYS B 202 9.34 -1.36 23.55
N VAL B 203 8.85 -0.53 22.65
CA VAL B 203 9.62 -0.04 21.55
C VAL B 203 9.81 1.48 21.79
N PRO B 204 11.06 1.98 21.70
CA PRO B 204 12.30 1.24 21.38
C PRO B 204 13.14 0.71 22.56
N ALA B 205 12.74 0.96 23.80
CA ALA B 205 13.66 0.70 24.92
C ALA B 205 14.02 -0.78 24.99
N GLU B 206 13.02 -1.63 24.83
CA GLU B 206 13.24 -3.08 24.80
C GLU B 206 13.66 -3.54 23.37
N ILE B 207 12.85 -3.19 22.38
CA ILE B 207 13.17 -3.61 21.03
C ILE B 207 13.12 -2.39 20.14
N GLN B 208 14.22 -2.10 19.47
CA GLN B 208 14.21 -1.10 18.41
C GLN B 208 14.09 -1.75 17.03
N ILE B 209 13.47 -1.01 16.11
CA ILE B 209 13.13 -1.59 14.77
C ILE B 209 13.45 -0.53 13.76
N ILE B 210 14.02 -0.96 12.64
CA ILE B 210 14.27 -0.06 11.53
C ILE B 210 13.84 -0.71 10.19
N GLY B 211 13.18 0.09 9.34
CA GLY B 211 12.74 -0.35 8.04
C GLY B 211 13.56 0.21 6.90
N TYR B 212 12.91 0.43 5.77
CA TYR B 212 13.58 0.95 4.57
C TYR B 212 12.50 1.34 3.62
N ASP B 213 12.71 2.45 2.91
CA ASP B 213 11.81 3.00 1.84
C ASP B 213 11.14 4.35 2.21
N ASN B 214 10.85 4.58 3.50
CA ASN B 214 10.11 5.74 3.97
C ASN B 214 8.72 5.87 3.31
N ILE B 215 7.92 4.81 3.39
CA ILE B 215 6.61 4.87 2.77
C ILE B 215 5.79 5.71 3.78
N PRO B 216 4.66 6.30 3.34
CA PRO B 216 3.84 7.15 4.26
C PRO B 216 3.35 6.41 5.55
N PHE B 217 2.96 5.14 5.41
CA PHE B 217 2.62 4.30 6.58
C PHE B 217 3.72 4.35 7.66
N SER B 218 4.99 4.52 7.30
CA SER B 218 6.06 4.56 8.34
C SER B 218 5.95 5.77 9.30
N GLU B 219 5.29 6.85 8.84
CA GLU B 219 5.10 8.01 9.72
C GLU B 219 3.78 7.93 10.50
N MET B 220 2.96 6.88 10.27
CA MET B 220 1.59 6.77 10.81
C MET B 220 1.47 5.85 11.99
N THR B 221 2.52 5.11 12.28
CA THR B 221 2.49 4.22 13.43
C THR B 221 2.91 5.00 14.65
N TYR B 222 2.64 4.43 15.81
CA TYR B 222 3.15 4.98 17.04
C TYR B 222 3.87 3.89 17.82
N PRO B 223 5.19 4.01 17.99
CA PRO B 223 6.07 5.10 17.51
C PRO B 223 6.25 5.04 15.97
N GLN B 224 6.68 6.18 15.40
CA GLN B 224 6.85 6.21 13.97
C GLN B 224 8.04 5.33 13.65
N ILE B 225 8.08 4.78 12.44
CA ILE B 225 9.13 3.83 12.12
C ILE B 225 10.37 4.53 11.51
N THR B 226 11.51 4.36 12.16
CA THR B 226 12.78 4.83 11.67
C THR B 226 13.07 4.05 10.37
N THR B 227 13.44 4.77 9.33
CA THR B 227 13.60 4.17 8.02
C THR B 227 14.69 4.88 7.19
N ILE B 228 14.84 4.46 5.93
CA ILE B 228 15.76 5.09 4.99
C ILE B 228 14.92 5.53 3.77
N ASP B 229 14.85 6.84 3.55
CA ASP B 229 14.25 7.40 2.33
C ASP B 229 15.19 7.15 1.15
N GLN B 230 14.69 6.57 0.06
CA GLN B 230 15.57 6.35 -1.11
C GLN B 230 15.08 7.09 -2.37
N SER B 231 14.43 8.25 -2.14
CA SER B 231 13.95 9.14 -3.20
C SER B 231 13.10 8.42 -4.25
N ALA B 232 12.08 7.68 -3.80
CA ALA B 232 11.24 6.84 -4.65
C ALA B 232 10.52 7.57 -5.77
N TYR B 233 9.91 8.73 -5.47
CA TYR B 233 9.21 9.54 -6.47
C TYR B 233 10.18 9.96 -7.57
N HIS B 234 11.34 10.47 -7.13
CA HIS B 234 12.36 10.96 -8.05
C HIS B 234 13.04 9.82 -8.84
N LEU B 235 13.16 8.64 -8.21
CA LEU B 235 13.58 7.44 -8.92
C LEU B 235 12.67 7.27 -10.13
N GLY B 236 11.36 7.39 -9.94
CA GLY B 236 10.41 7.30 -11.04
C GLY B 236 10.68 8.36 -12.12
N GLU B 237 10.91 9.60 -11.67
CA GLU B 237 11.24 10.72 -12.61
C GLU B 237 12.49 10.46 -13.46
N ILE B 238 13.55 9.95 -12.82
CA ILE B 238 14.84 9.76 -13.49
C ILE B 238 14.72 8.67 -14.52
N ALA B 239 13.99 7.62 -14.15
CA ALA B 239 13.80 6.47 -15.02
C ALA B 239 13.15 6.89 -16.32
N VAL B 240 12.06 7.66 -16.25
CA VAL B 240 11.46 8.13 -17.51
C VAL B 240 12.35 9.17 -18.23
N SER B 241 13.04 10.01 -17.47
CA SER B 241 14.06 10.88 -18.07
C SER B 241 15.20 10.14 -18.78
N GLN B 242 15.80 9.14 -18.12
CA GLN B 242 16.83 8.30 -18.74
C GLN B 242 16.18 7.59 -19.94
N LEU B 243 14.96 7.12 -19.75
CA LEU B 243 14.27 6.34 -20.80
C LEU B 243 14.02 7.12 -22.09
N LEU B 244 13.67 8.39 -21.94
CA LEU B 244 13.31 9.26 -23.06
C LEU B 244 14.46 10.14 -23.56
N GLY B 245 15.25 10.66 -22.62
CA GLY B 245 16.32 11.64 -22.92
C GLY B 245 15.96 13.06 -22.53
N ALA B 259 19.73 9.97 -3.78
CA ALA B 259 20.00 10.29 -2.36
C ALA B 259 19.33 9.37 -1.33
N LEU B 260 20.14 8.87 -0.41
CA LEU B 260 19.65 8.10 0.72
C LEU B 260 19.70 8.95 1.97
N THR B 261 18.59 9.00 2.71
CA THR B 261 18.54 9.75 3.96
C THR B 261 17.94 8.89 5.09
N VAL B 262 18.68 8.74 6.19
CA VAL B 262 18.12 8.17 7.42
C VAL B 262 17.09 9.11 8.02
N LYS B 263 15.87 8.60 8.18
CA LYS B 263 14.84 9.26 8.96
C LYS B 263 14.80 8.68 10.35
N HIS B 264 15.40 9.41 11.30
CA HIS B 264 15.48 9.00 12.72
C HIS B 264 14.18 9.28 13.42
N ARG B 265 13.58 8.26 14.00
CA ARG B 265 12.21 8.38 14.51
C ARG B 265 12.07 7.61 15.82
N GLY B 266 10.87 7.55 16.37
CA GLY B 266 10.67 6.97 17.70
C GLY B 266 10.97 5.48 17.86
N SER B 267 11.07 4.74 16.77
CA SER B 267 11.16 3.28 16.88
C SER B 267 12.58 2.79 17.15
N THR B 268 13.56 3.71 17.21
CA THR B 268 14.98 3.36 17.46
C THR B 268 15.51 4.11 18.68
N ARG B 269 16.58 3.60 19.28
CA ARG B 269 17.14 4.15 20.53
C ARG B 269 18.22 5.22 20.26
C1 GOL C . -13.84 1.51 -2.15
O1 GOL C . -15.12 1.05 -1.82
C2 GOL C . -13.15 2.26 -1.00
O2 GOL C . -13.49 1.68 0.25
C3 GOL C . -11.63 2.37 -1.23
O3 GOL C . -10.90 2.59 -0.04
C1 GOL D . 11.42 -2.74 -2.01
O1 GOL D . 10.56 -2.48 -0.88
C2 GOL D . 12.61 -1.76 -1.95
O2 GOL D . 13.07 -1.60 -0.62
C3 GOL D . 13.76 -2.20 -2.86
O3 GOL D . 14.64 -1.09 -3.11
#